data_5Q27
#
_entry.id   5Q27
#
_cell.length_a   51.967
_cell.length_b   57.062
_cell.length_c   115.221
_cell.angle_alpha   90.000
_cell.angle_beta   90.000
_cell.angle_gamma   90.000
#
_symmetry.space_group_name_H-M   'P 21 21 21'
#
loop_
_entity.id
_entity.type
_entity.pdbx_description
1 polymer 'DNA cross-link repair 1A protein'
2 non-polymer 'MALONATE ION'
3 non-polymer 'DIMETHYL SULFOXIDE'
4 non-polymer 5-ethyl-~{N}-[(1-methylpyrazol-4-yl)methyl]thiophene-2-carboxamide
5 non-polymer 'NICKEL (II) ION'
6 water water
#
_entity_poly.entity_id   1
_entity_poly.type   'polypeptide(L)'
_entity_poly.pdbx_seq_one_letter_code
;KKTCPFYKKIPGTGFTVDAFQYGVVEGCTAYFLTHFHSDHYAGLSKHFTFPVYCSEITGNLLKNKLHVQEQYIHPLPLDT
ECIVNGVKVVLLDANHCPGAVMILFYLPNGTVILHTGDFRADPSMERSLLADQKVHMLYLDTTYCSPEYTFPSQQEVIRF
AINTAFEAVTLNPHALVVCGTYSIGKEKVFLAIADVLGSKVGMSQEKYKTLQCLNIPEINSLITTDMCSSLVHLLPMMQI
NFKGLQSHLKKCGGKYNQILAFRPTGWTHSNKFTRIADVIPQTKGNISIYGIPYSEHSSYLEMKRFVQWLKPQKIIPTVN
VGTWKSRSTMEKYFREWKLEAGY
;
_entity_poly.pdbx_strand_id   A
#
# COMPACT_ATOMS: atom_id res chain seq x y z
N THR A 3 -0.33 25.53 3.80
CA THR A 3 0.40 25.41 5.11
C THR A 3 0.69 23.94 5.47
N CYS A 4 1.97 23.59 5.50
CA CYS A 4 2.37 22.23 5.86
C CYS A 4 2.08 21.95 7.34
N PRO A 5 1.32 20.86 7.64
CA PRO A 5 1.04 20.53 9.03
C PRO A 5 2.27 19.98 9.78
N PHE A 6 2.26 20.12 11.10
CA PHE A 6 3.42 19.78 11.95
C PHE A 6 3.87 18.33 11.81
N TYR A 7 2.92 17.41 11.69
CA TYR A 7 3.22 15.97 11.63
C TYR A 7 3.87 15.50 10.31
N LYS A 8 4.07 16.41 9.34
CA LYS A 8 4.86 16.14 8.13
C LYS A 8 6.27 16.78 8.16
N LYS A 9 6.63 17.38 9.30
CA LYS A 9 7.94 18.02 9.46
C LYS A 9 8.80 17.23 10.44
N ILE A 10 10.09 17.13 10.15
CA ILE A 10 11.03 16.40 10.98
C ILE A 10 11.86 17.44 11.77
N PRO A 11 11.66 17.53 13.10
CA PRO A 11 12.38 18.56 13.88
C PRO A 11 13.91 18.39 13.83
N GLY A 12 14.63 19.51 13.90
CA GLY A 12 16.08 19.49 13.89
C GLY A 12 16.70 19.20 12.54
N THR A 13 15.88 19.26 11.48
CA THR A 13 16.33 18.98 10.12
C THR A 13 15.68 19.94 9.13
N GLY A 14 16.19 19.93 7.91
CA GLY A 14 15.52 20.59 6.79
C GLY A 14 14.61 19.65 6.02
N PHE A 15 14.00 18.67 6.70
CA PHE A 15 13.30 17.58 5.98
C PHE A 15 11.78 17.62 6.16
N THR A 16 11.05 17.29 5.09
CA THR A 16 9.62 16.98 5.17
C THR A 16 9.37 15.58 4.60
N VAL A 17 8.23 15.02 4.97
CA VAL A 17 7.79 13.70 4.48
C VAL A 17 6.40 13.79 3.87
N ASP A 18 6.28 13.39 2.60
CA ASP A 18 5.00 13.35 1.89
C ASP A 18 4.26 14.71 1.93
N ALA A 19 5.00 15.77 1.58
CA ALA A 19 4.57 17.18 1.73
C ALA A 19 4.80 17.95 0.44
N PHE A 20 4.08 17.54 -0.60
CA PHE A 20 4.24 18.11 -1.95
C PHE A 20 3.09 19.02 -2.42
N GLN A 21 2.07 19.21 -1.58
CA GLN A 21 0.87 19.96 -1.94
C GLN A 21 0.76 21.33 -1.26
N TYR A 22 1.86 21.79 -0.65
CA TYR A 22 1.87 23.02 0.14
C TYR A 22 2.74 24.11 -0.49
N GLY A 23 3.11 23.92 -1.76
CA GLY A 23 4.05 24.81 -2.44
C GLY A 23 5.46 24.64 -1.90
N VAL A 24 6.24 25.72 -1.94
CA VAL A 24 7.61 25.70 -1.45
C VAL A 24 7.54 25.80 0.09
N VAL A 25 7.98 24.76 0.79
CA VAL A 25 7.91 24.72 2.26
C VAL A 25 9.13 25.43 2.83
N GLU A 26 8.90 26.39 3.73
CA GLU A 26 9.97 27.25 4.24
C GLU A 26 10.95 26.46 5.11
N GLY A 27 12.22 26.48 4.71
CA GLY A 27 13.27 25.75 5.41
C GLY A 27 13.54 24.33 4.91
N CYS A 28 12.78 23.86 3.94
CA CYS A 28 12.92 22.47 3.46
C CYS A 28 14.01 22.31 2.39
N THR A 29 15.08 21.60 2.76
CA THR A 29 16.21 21.32 1.87
C THR A 29 16.09 19.97 1.11
N ALA A 30 15.22 19.08 1.61
CA ALA A 30 14.96 17.78 0.99
C ALA A 30 13.55 17.26 1.32
N TYR A 31 12.84 16.83 0.27
CA TYR A 31 11.46 16.32 0.36
C TYR A 31 11.51 14.79 0.23
N PHE A 32 11.17 14.08 1.30
CA PHE A 32 11.07 12.60 1.25
C PHE A 32 9.66 12.17 0.79
N LEU A 33 9.59 11.13 -0.06
CA LEU A 33 8.35 10.50 -0.47
C LEU A 33 8.37 9.02 -0.08
N THR A 34 7.47 8.59 0.81
CA THR A 34 7.49 7.23 1.34
C THR A 34 7.03 6.18 0.31
N HIS A 35 6.05 6.54 -0.53
CA HIS A 35 5.49 5.62 -1.55
C HIS A 35 4.63 6.32 -2.59
N PHE A 36 4.43 5.66 -3.73
CA PHE A 36 3.68 6.23 -4.86
C PHE A 36 2.16 5.99 -4.76
N HIS A 37 1.52 6.64 -3.77
CA HIS A 37 0.05 6.73 -3.69
C HIS A 37 -0.37 8.22 -3.72
N SER A 38 -1.46 8.51 -4.43
CA SER A 38 -1.80 9.91 -4.77
C SER A 38 -1.96 10.86 -3.56
N ASP A 39 -2.56 10.40 -2.46
CA ASP A 39 -2.69 11.26 -1.27
C ASP A 39 -1.30 11.69 -0.75
N HIS A 40 -0.27 10.89 -1.04
CA HIS A 40 1.10 11.17 -0.57
C HIS A 40 1.95 11.94 -1.54
N TYR A 41 1.87 11.62 -2.84
CA TYR A 41 2.58 12.43 -3.84
C TYR A 41 1.84 13.69 -4.32
N ALA A 42 0.61 13.92 -3.85
CA ALA A 42 -0.24 15.02 -4.30
C ALA A 42 0.54 16.33 -4.37
N GLY A 43 0.71 16.85 -5.58
CA GLY A 43 1.45 18.07 -5.82
C GLY A 43 2.70 17.91 -6.68
N LEU A 44 3.30 16.72 -6.69
CA LEU A 44 4.43 16.45 -7.60
C LEU A 44 4.00 16.43 -9.06
N SER A 45 4.89 16.89 -9.93
CA SER A 45 4.66 16.99 -11.38
C SER A 45 6.00 17.20 -12.08
N LYS A 46 6.00 17.31 -13.41
CA LYS A 46 7.26 17.52 -14.17
C LYS A 46 8.00 18.85 -13.90
N HIS A 47 7.32 19.83 -13.29
CA HIS A 47 7.92 21.15 -13.04
C HIS A 47 8.50 21.32 -11.62
N PHE A 48 8.51 20.24 -10.84
CA PHE A 48 9.11 20.23 -9.50
C PHE A 48 10.64 20.34 -9.59
N THR A 49 11.23 21.26 -8.83
CA THR A 49 12.68 21.57 -8.92
C THR A 49 13.46 21.51 -7.59
N PHE A 50 13.00 20.68 -6.65
CA PHE A 50 13.73 20.43 -5.41
C PHE A 50 14.09 18.94 -5.33
N PRO A 51 15.14 18.59 -4.54
CA PRO A 51 15.52 17.19 -4.42
C PRO A 51 14.44 16.33 -3.75
N VAL A 52 14.16 15.18 -4.36
CA VAL A 52 13.21 14.20 -3.84
C VAL A 52 13.99 12.94 -3.46
N TYR A 53 13.83 12.48 -2.22
CA TYR A 53 14.47 11.27 -1.75
C TYR A 53 13.44 10.17 -1.58
N CYS A 54 13.76 8.99 -2.11
CA CYS A 54 12.79 7.87 -2.17
C CYS A 54 13.49 6.56 -2.49
N SER A 55 12.73 5.46 -2.58
CA SER A 55 13.26 4.19 -3.05
C SER A 55 13.48 4.17 -4.58
N GLU A 56 14.20 3.16 -5.05
CA GLU A 56 14.41 2.95 -6.50
C GLU A 56 13.07 2.81 -7.27
N ILE A 57 12.16 1.99 -6.74
CA ILE A 57 10.85 1.78 -7.38
C ILE A 57 10.01 3.06 -7.44
N THR A 58 9.91 3.78 -6.32
CA THR A 58 9.22 5.06 -6.30
C THR A 58 9.83 6.03 -7.32
N GLY A 59 11.15 6.05 -7.41
CA GLY A 59 11.86 6.88 -8.39
C GLY A 59 11.54 6.50 -9.84
N ASN A 60 11.41 5.21 -10.14
CA ASN A 60 10.99 4.75 -11.50
C ASN A 60 9.62 5.31 -11.88
N LEU A 61 8.69 5.31 -10.92
CA LEU A 61 7.34 5.83 -11.13
C LEU A 61 7.30 7.36 -11.27
N LEU A 62 8.12 8.06 -10.48
CA LEU A 62 8.21 9.53 -10.57
C LEU A 62 8.69 9.94 -11.98
N LYS A 63 9.73 9.26 -12.46
CA LYS A 63 10.31 9.51 -13.78
C LYS A 63 9.33 9.19 -14.91
N ASN A 64 8.70 8.01 -14.86
CA ASN A 64 7.89 7.51 -15.99
C ASN A 64 6.43 7.91 -15.99
N LYS A 65 5.81 8.00 -14.81
CA LYS A 65 4.37 8.33 -14.71
C LYS A 65 4.08 9.81 -14.49
N LEU A 66 4.83 10.46 -13.60
CA LEU A 66 4.63 11.90 -13.33
C LEU A 66 5.57 12.82 -14.13
N HIS A 67 6.56 12.23 -14.81
N HIS A 67 6.57 12.24 -14.81
CA HIS A 67 7.56 12.92 -15.63
CA HIS A 67 7.50 12.96 -15.67
C HIS A 67 8.44 13.91 -14.89
C HIS A 67 8.45 13.91 -14.90
N VAL A 68 8.81 13.56 -13.66
CA VAL A 68 9.77 14.35 -12.86
C VAL A 68 11.15 14.17 -13.49
N GLN A 69 11.91 15.26 -13.58
CA GLN A 69 13.21 15.22 -14.23
C GLN A 69 14.22 14.47 -13.37
N GLU A 70 15.08 13.72 -14.04
CA GLU A 70 16.00 12.79 -13.43
C GLU A 70 16.96 13.45 -12.43
N GLN A 71 17.35 14.69 -12.72
CA GLN A 71 18.27 15.45 -11.86
C GLN A 71 17.73 15.73 -10.43
N TYR A 72 16.41 15.75 -10.26
CA TYR A 72 15.78 15.96 -8.95
C TYR A 72 15.38 14.68 -8.20
N ILE A 73 15.55 13.50 -8.82
CA ILE A 73 15.21 12.21 -8.21
C ILE A 73 16.46 11.56 -7.59
N HIS A 74 16.42 11.36 -6.27
CA HIS A 74 17.51 10.73 -5.52
C HIS A 74 17.12 9.37 -4.91
N PRO A 75 17.24 8.28 -5.68
CA PRO A 75 16.91 6.95 -5.12
C PRO A 75 17.95 6.49 -4.09
N LEU A 76 17.50 5.85 -3.01
CA LEU A 76 18.38 5.25 -2.01
C LEU A 76 18.11 3.75 -1.86
N PRO A 77 19.18 2.95 -1.67
CA PRO A 77 19.02 1.52 -1.39
C PRO A 77 18.40 1.31 -0.02
N LEU A 78 17.68 0.19 0.15
CA LEU A 78 17.13 -0.17 1.46
C LEU A 78 18.21 -0.74 2.36
N ASP A 79 17.95 -0.71 3.66
CA ASP A 79 18.78 -1.35 4.69
C ASP A 79 20.22 -0.85 4.72
N THR A 80 20.44 0.40 4.32
CA THR A 80 21.79 0.97 4.17
C THR A 80 21.86 2.37 4.78
N GLU A 81 22.83 2.59 5.65
CA GLU A 81 23.09 3.92 6.22
C GLU A 81 23.57 4.87 5.12
N CYS A 82 22.85 5.98 4.94
CA CYS A 82 23.15 7.00 3.91
C CYS A 82 23.21 8.36 4.58
N ILE A 83 24.02 9.29 4.06
CA ILE A 83 24.06 10.68 4.57
C ILE A 83 23.34 11.60 3.57
N VAL A 84 22.33 12.33 4.06
CA VAL A 84 21.56 13.28 3.27
C VAL A 84 21.61 14.66 3.94
N ASN A 85 22.15 15.67 3.25
CA ASN A 85 22.31 17.02 3.83
C ASN A 85 22.88 16.98 5.26
N GLY A 86 23.90 16.16 5.45
CA GLY A 86 24.57 16.01 6.74
C GLY A 86 23.89 15.22 7.85
N VAL A 87 22.85 14.44 7.50
CA VAL A 87 22.09 13.65 8.47
C VAL A 87 22.02 12.19 8.01
N LYS A 88 22.34 11.27 8.92
CA LYS A 88 22.27 9.84 8.64
C LYS A 88 20.81 9.38 8.57
N VAL A 89 20.46 8.72 7.48
CA VAL A 89 19.12 8.12 7.30
C VAL A 89 19.22 6.66 6.81
N VAL A 90 18.15 5.90 7.10
CA VAL A 90 17.99 4.52 6.59
C VAL A 90 16.56 4.34 6.10
N LEU A 91 16.41 3.73 4.92
CA LEU A 91 15.10 3.33 4.39
C LEU A 91 14.89 1.83 4.66
N LEU A 92 13.71 1.49 5.19
CA LEU A 92 13.32 0.09 5.49
C LEU A 92 12.04 -0.29 4.75
N ASP A 93 11.89 -1.56 4.37
CA ASP A 93 10.65 -1.98 3.73
C ASP A 93 9.42 -1.82 4.65
N ALA A 94 8.36 -1.23 4.11
CA ALA A 94 7.14 -0.90 4.88
C ALA A 94 6.07 -2.00 4.81
N ASN A 95 6.31 -3.05 4.01
CA ASN A 95 5.27 -4.09 3.79
C ASN A 95 3.90 -3.45 3.45
N HIS A 96 3.93 -2.48 2.54
CA HIS A 96 2.74 -1.76 2.01
C HIS A 96 2.64 -2.14 0.51
N CYS A 97 2.79 -1.19 -0.40
CA CYS A 97 2.75 -1.43 -1.84
C CYS A 97 4.20 -1.46 -2.35
N PRO A 98 4.41 -1.85 -3.63
CA PRO A 98 5.79 -1.88 -4.13
C PRO A 98 6.53 -0.53 -3.99
N GLY A 99 7.76 -0.59 -3.48
CA GLY A 99 8.60 0.60 -3.29
C GLY A 99 8.33 1.43 -2.05
N ALA A 100 7.36 1.01 -1.23
CA ALA A 100 6.98 1.76 -0.02
C ALA A 100 8.01 1.54 1.08
N VAL A 101 8.41 2.63 1.72
CA VAL A 101 9.43 2.56 2.79
C VAL A 101 9.00 3.23 4.09
N MET A 102 9.61 2.78 5.18
CA MET A 102 9.72 3.55 6.44
C MET A 102 11.10 4.26 6.44
N ILE A 103 11.20 5.39 7.15
CA ILE A 103 12.45 6.15 7.23
C ILE A 103 12.92 6.34 8.69
N LEU A 104 14.16 5.96 8.96
CA LEU A 104 14.84 6.19 10.25
C LEU A 104 15.70 7.42 10.10
N PHE A 105 15.54 8.40 10.99
CA PHE A 105 16.35 9.62 11.01
C PHE A 105 17.18 9.68 12.29
N TYR A 106 18.50 9.88 12.13
CA TYR A 106 19.43 9.98 13.25
C TYR A 106 19.80 11.45 13.42
N LEU A 107 19.13 12.14 14.35
CA LEU A 107 19.29 13.59 14.48
C LEU A 107 20.67 13.93 15.03
N PRO A 108 21.24 15.08 14.60
CA PRO A 108 22.56 15.48 15.10
C PRO A 108 22.65 15.54 16.63
N ASN A 109 21.56 15.95 17.31
CA ASN A 109 21.53 16.00 18.78
C ASN A 109 21.42 14.64 19.52
N GLY A 110 21.27 13.52 18.81
CA GLY A 110 21.20 12.18 19.41
C GLY A 110 19.80 11.55 19.43
N THR A 111 18.79 12.33 19.05
CA THR A 111 17.42 11.83 18.93
C THR A 111 17.31 10.90 17.72
N VAL A 112 16.47 9.88 17.84
CA VAL A 112 16.23 8.92 16.75
C VAL A 112 14.71 8.91 16.47
N ILE A 113 14.35 9.08 15.20
CA ILE A 113 12.94 9.18 14.78
C ILE A 113 12.66 8.14 13.72
N LEU A 114 11.57 7.37 13.88
CA LEU A 114 11.06 6.48 12.83
C LEU A 114 9.76 7.02 12.27
N HIS A 115 9.70 7.20 10.96
CA HIS A 115 8.45 7.56 10.25
C HIS A 115 8.02 6.31 9.46
N THR A 116 6.85 5.74 9.77
CA THR A 116 6.46 4.45 9.17
C THR A 116 5.92 4.59 7.73
N GLY A 117 5.61 5.81 7.32
CA GLY A 117 4.89 6.04 6.08
C GLY A 117 3.57 5.31 6.23
N ASP A 118 3.06 4.72 5.16
CA ASP A 118 2.00 3.71 5.26
C ASP A 118 2.68 2.33 5.43
N PHE A 119 2.18 1.50 6.34
CA PHE A 119 2.78 0.17 6.60
C PHE A 119 1.79 -0.89 7.08
N ARG A 120 2.13 -2.16 6.85
CA ARG A 120 1.49 -3.26 7.54
C ARG A 120 2.52 -3.96 8.45
N ALA A 121 2.46 -3.61 9.74
CA ALA A 121 3.39 -4.13 10.74
C ALA A 121 3.47 -5.64 10.67
N ASP A 122 4.70 -6.15 10.83
CA ASP A 122 4.94 -7.60 10.81
C ASP A 122 6.05 -7.95 11.80
N PRO A 123 6.00 -9.16 12.41
CA PRO A 123 7.09 -9.51 13.35
C PRO A 123 8.48 -9.56 12.72
N SER A 124 8.58 -9.78 11.40
CA SER A 124 9.86 -9.71 10.70
C SER A 124 10.57 -8.35 10.85
N MET A 125 9.81 -7.28 11.11
CA MET A 125 10.40 -5.96 11.34
C MET A 125 11.19 -5.88 12.65
N GLU A 126 10.94 -6.81 13.57
CA GLU A 126 11.63 -6.84 14.85
C GLU A 126 13.10 -7.33 14.67
N ARG A 127 13.46 -7.84 13.48
CA ARG A 127 14.83 -8.22 13.13
C ARG A 127 15.42 -7.47 11.93
N SER A 128 14.92 -6.26 11.70
CA SER A 128 15.52 -5.34 10.74
C SER A 128 16.61 -4.55 11.49
N LEU A 129 17.16 -3.49 10.85
CA LEU A 129 18.04 -2.56 11.57
C LEU A 129 17.38 -1.79 12.74
N LEU A 130 16.07 -1.94 12.94
CA LEU A 130 15.37 -1.38 14.12
C LEU A 130 15.77 -1.98 15.45
N ALA A 131 16.25 -3.22 15.44
CA ALA A 131 16.60 -3.90 16.68
C ALA A 131 17.82 -3.29 17.38
N ASP A 132 18.68 -2.65 16.58
CA ASP A 132 19.96 -2.07 17.04
C ASP A 132 19.96 -0.92 18.04
N GLN A 133 18.89 -0.12 18.06
CA GLN A 133 18.89 1.08 18.90
C GLN A 133 17.51 1.58 19.26
N LYS A 134 17.54 2.53 20.19
CA LYS A 134 16.38 3.14 20.78
C LYS A 134 15.78 4.11 19.77
N VAL A 135 14.44 4.16 19.74
CA VAL A 135 13.68 5.14 18.96
C VAL A 135 12.90 6.05 19.91
N HIS A 136 13.15 7.35 19.84
CA HIS A 136 12.54 8.31 20.76
C HIS A 136 11.16 8.73 20.29
N MET A 137 11.00 9.02 18.99
CA MET A 137 9.70 9.46 18.42
C MET A 137 9.28 8.59 17.22
N LEU A 138 7.99 8.27 17.18
CA LEU A 138 7.37 7.43 16.14
C LEU A 138 6.22 8.18 15.44
N TYR A 139 6.37 8.44 14.14
CA TYR A 139 5.33 8.99 13.30
C TYR A 139 4.62 7.78 12.70
N LEU A 140 3.41 7.49 13.20
CA LEU A 140 2.75 6.19 13.03
C LEU A 140 1.50 6.22 12.10
N ASP A 141 1.50 5.33 11.11
CA ASP A 141 0.30 5.00 10.31
C ASP A 141 -0.77 4.35 11.20
N THR A 142 -1.76 5.17 11.57
CA THR A 142 -2.82 4.81 12.49
C THR A 142 -4.16 4.54 11.75
N THR A 143 -4.11 4.24 10.44
CA THR A 143 -5.33 4.01 9.64
C THR A 143 -6.40 3.18 10.37
N TYR A 144 -6.00 2.02 10.91
CA TYR A 144 -6.93 1.09 11.58
C TYR A 144 -6.67 0.94 13.09
N CYS A 145 -6.43 2.05 13.77
CA CYS A 145 -6.14 2.06 15.19
C CYS A 145 -7.44 2.02 16.02
N SER A 146 -8.12 0.88 15.95
CA SER A 146 -9.28 0.59 16.79
C SER A 146 -9.55 -0.92 16.77
N PRO A 147 -9.89 -1.53 17.93
CA PRO A 147 -10.03 -2.99 18.01
C PRO A 147 -11.04 -3.68 17.09
N GLU A 148 -12.04 -2.95 16.59
CA GLU A 148 -12.98 -3.53 15.62
C GLU A 148 -12.33 -3.88 14.29
N TYR A 149 -11.16 -3.30 14.00
CA TYR A 149 -10.48 -3.54 12.73
C TYR A 149 -9.66 -4.83 12.78
N THR A 150 -10.32 -5.92 12.42
CA THR A 150 -9.72 -7.23 12.25
C THR A 150 -9.85 -7.63 10.78
N PHE A 151 -8.82 -8.32 10.27
CA PHE A 151 -8.89 -8.97 8.97
C PHE A 151 -7.88 -10.13 8.91
N PRO A 152 -8.03 -11.05 7.93
CA PRO A 152 -7.13 -12.21 7.90
C PRO A 152 -5.73 -11.83 7.41
N SER A 153 -4.82 -12.78 7.43
CA SER A 153 -3.53 -12.59 6.79
C SER A 153 -3.71 -12.47 5.29
N GLN A 154 -2.71 -11.87 4.64
CA GLN A 154 -2.69 -11.79 3.18
C GLN A 154 -2.65 -13.21 2.55
N GLN A 155 -1.89 -14.12 3.17
CA GLN A 155 -1.81 -15.52 2.72
C GLN A 155 -3.19 -16.24 2.69
N GLU A 156 -3.98 -16.10 3.76
CA GLU A 156 -5.34 -16.69 3.81
C GLU A 156 -6.26 -16.12 2.73
N VAL A 157 -6.18 -14.81 2.51
CA VAL A 157 -7.01 -14.15 1.50
C VAL A 157 -6.65 -14.65 0.12
N ILE A 158 -5.36 -14.77 -0.18
CA ILE A 158 -4.91 -15.27 -1.49
C ILE A 158 -5.34 -16.71 -1.72
N ARG A 159 -5.21 -17.55 -0.70
CA ARG A 159 -5.70 -18.93 -0.74
C ARG A 159 -7.18 -19.02 -1.14
N PHE A 160 -8.00 -18.17 -0.52
CA PHE A 160 -9.42 -18.09 -0.84
C PHE A 160 -9.63 -17.73 -2.32
N ALA A 161 -8.92 -16.71 -2.78
CA ALA A 161 -9.11 -16.23 -4.18
C ALA A 161 -8.66 -17.27 -5.23
N ILE A 162 -7.48 -17.86 -5.02
CA ILE A 162 -6.97 -18.94 -5.91
C ILE A 162 -7.98 -20.09 -6.01
N ASN A 163 -8.42 -20.61 -4.88
CA ASN A 163 -9.37 -21.75 -4.85
C ASN A 163 -10.72 -21.42 -5.50
N THR A 164 -11.23 -20.21 -5.23
CA THR A 164 -12.48 -19.70 -5.81
C THR A 164 -12.41 -19.60 -7.33
N ALA A 165 -11.33 -19.00 -7.85
CA ALA A 165 -11.16 -18.81 -9.29
C ALA A 165 -10.94 -20.15 -10.03
N PHE A 166 -10.11 -21.00 -9.44
CA PHE A 166 -9.79 -22.29 -10.03
C PHE A 166 -11.03 -23.17 -10.13
N GLU A 167 -11.80 -23.23 -9.04
CA GLU A 167 -13.06 -24.00 -9.07
C GLU A 167 -14.02 -23.52 -10.16
N ALA A 168 -14.26 -22.20 -10.24
CA ALA A 168 -15.22 -21.64 -11.19
C ALA A 168 -14.85 -21.88 -12.66
N VAL A 169 -13.57 -21.73 -12.98
CA VAL A 169 -13.09 -21.84 -14.35
C VAL A 169 -12.94 -23.31 -14.76
N THR A 170 -12.66 -24.18 -13.80
CA THR A 170 -12.64 -25.63 -14.08
C THR A 170 -14.06 -26.14 -14.33
N LEU A 171 -15.04 -25.67 -13.57
CA LEU A 171 -16.47 -25.98 -13.85
C LEU A 171 -16.94 -25.41 -15.19
N ASN A 172 -16.54 -24.17 -15.48
CA ASN A 172 -16.90 -23.49 -16.74
C ASN A 172 -15.70 -22.87 -17.44
N PRO A 173 -15.07 -23.60 -18.41
CA PRO A 173 -13.93 -23.04 -19.17
C PRO A 173 -14.19 -21.75 -19.95
N HIS A 174 -15.46 -21.41 -20.17
CA HIS A 174 -15.83 -20.13 -20.77
C HIS A 174 -16.11 -18.99 -19.80
N ALA A 175 -15.68 -19.12 -18.53
CA ALA A 175 -15.78 -18.00 -17.58
C ALA A 175 -14.52 -17.12 -17.67
N LEU A 176 -14.72 -15.81 -17.54
CA LEU A 176 -13.64 -14.82 -17.49
C LEU A 176 -13.49 -14.35 -16.06
N VAL A 177 -12.24 -14.17 -15.61
CA VAL A 177 -11.98 -13.60 -14.29
C VAL A 177 -11.55 -12.15 -14.47
N VAL A 178 -12.15 -11.24 -13.69
CA VAL A 178 -11.81 -9.81 -13.73
C VAL A 178 -11.40 -9.37 -12.32
N CYS A 179 -10.36 -8.54 -12.23
N CYS A 179 -10.36 -8.56 -12.24
CA CYS A 179 -9.88 -8.00 -10.96
CA CYS A 179 -9.90 -7.98 -10.98
C CYS A 179 -9.84 -6.47 -11.08
C CYS A 179 -9.90 -6.46 -11.11
N GLY A 180 -10.36 -5.78 -10.07
CA GLY A 180 -10.35 -4.31 -10.02
C GLY A 180 -9.04 -3.74 -9.45
N THR A 181 -8.65 -2.54 -9.91
CA THR A 181 -7.46 -1.83 -9.40
C THR A 181 -7.64 -0.31 -9.54
N TYR A 182 -7.09 0.49 -8.63
CA TYR A 182 -7.05 1.98 -8.81
C TYR A 182 -5.73 2.69 -8.40
N SER A 183 -4.70 1.91 -8.15
CA SER A 183 -3.43 2.38 -7.63
C SER A 183 -2.49 1.17 -7.62
N ILE A 184 -1.21 1.40 -7.37
CA ILE A 184 -0.33 0.26 -7.11
C ILE A 184 -0.64 -0.33 -5.73
N GLY A 185 -0.11 -1.53 -5.50
CA GLY A 185 -0.46 -2.36 -4.34
C GLY A 185 -1.38 -3.52 -4.70
N LYS A 186 -1.31 -4.59 -3.92
CA LYS A 186 -2.23 -5.73 -4.01
C LYS A 186 -2.08 -6.54 -5.33
N GLU A 187 -0.91 -6.43 -5.96
CA GLU A 187 -0.64 -7.11 -7.25
C GLU A 187 -0.75 -8.64 -7.08
N LYS A 188 -0.42 -9.16 -5.90
CA LYS A 188 -0.52 -10.59 -5.61
C LYS A 188 -1.89 -11.20 -5.91
N VAL A 189 -2.96 -10.43 -5.74
CA VAL A 189 -4.33 -10.91 -5.99
C VAL A 189 -4.45 -11.40 -7.44
N PHE A 190 -4.15 -10.52 -8.39
CA PHE A 190 -4.33 -10.90 -9.79
C PHE A 190 -3.20 -11.81 -10.31
N LEU A 191 -1.97 -11.62 -9.83
CA LEU A 191 -0.86 -12.53 -10.23
C LEU A 191 -1.07 -14.00 -9.76
N ALA A 192 -1.52 -14.18 -8.52
CA ALA A 192 -1.79 -15.53 -8.00
C ALA A 192 -2.91 -16.28 -8.74
N ILE A 193 -3.95 -15.54 -9.10
CA ILE A 193 -5.08 -16.10 -9.85
C ILE A 193 -4.64 -16.48 -11.27
N ALA A 194 -3.92 -15.60 -11.95
CA ALA A 194 -3.46 -15.91 -13.31
C ALA A 194 -2.52 -17.11 -13.33
N ASP A 195 -1.65 -17.20 -12.33
CA ASP A 195 -0.75 -18.34 -12.19
C ASP A 195 -1.50 -19.69 -12.06
N VAL A 196 -2.52 -19.78 -11.20
CA VAL A 196 -3.24 -21.04 -11.06
C VAL A 196 -4.02 -21.42 -12.34
N LEU A 197 -4.40 -20.42 -13.12
CA LEU A 197 -5.17 -20.63 -14.36
C LEU A 197 -4.30 -20.77 -15.62
N GLY A 198 -2.98 -20.68 -15.47
CA GLY A 198 -2.05 -20.78 -16.61
C GLY A 198 -2.24 -19.70 -17.66
N SER A 199 -2.49 -18.47 -17.19
CA SER A 199 -2.73 -17.35 -18.07
C SER A 199 -1.82 -16.17 -17.69
N LYS A 200 -1.59 -15.27 -18.64
CA LYS A 200 -1.06 -13.94 -18.34
C LYS A 200 -2.22 -13.04 -17.95
N VAL A 201 -1.92 -11.94 -17.28
CA VAL A 201 -2.91 -10.95 -16.91
C VAL A 201 -2.96 -9.88 -17.99
N GLY A 202 -4.13 -9.68 -18.59
CA GLY A 202 -4.35 -8.65 -19.60
C GLY A 202 -4.83 -7.33 -19.01
N MET A 203 -4.37 -6.23 -19.57
CA MET A 203 -4.62 -4.89 -19.02
C MET A 203 -4.36 -3.78 -20.04
N SER A 204 -4.82 -2.57 -19.71
CA SER A 204 -4.58 -1.36 -20.52
C SER A 204 -3.09 -1.04 -20.67
N GLN A 205 -2.76 -0.27 -21.70
CA GLN A 205 -1.38 0.20 -21.89
C GLN A 205 -0.86 0.99 -20.68
N GLU A 206 -1.73 1.81 -20.10
CA GLU A 206 -1.36 2.67 -18.96
C GLU A 206 -1.01 1.87 -17.70
N LYS A 207 -1.81 0.84 -17.41
CA LYS A 207 -1.52 -0.04 -16.27
C LYS A 207 -0.29 -0.92 -16.51
N TYR A 208 -0.14 -1.44 -17.73
CA TYR A 208 1.06 -2.19 -18.08
C TYR A 208 2.32 -1.35 -17.82
N LYS A 209 2.26 -0.07 -18.18
CA LYS A 209 3.38 0.87 -18.00
C LYS A 209 3.75 0.99 -16.52
N THR A 210 2.73 1.21 -15.71
CA THR A 210 2.90 1.26 -14.25
C THR A 210 3.56 -0.02 -13.71
N LEU A 211 3.06 -1.19 -14.10
CA LEU A 211 3.62 -2.44 -13.59
C LEU A 211 5.07 -2.69 -14.04
N GLN A 212 5.42 -2.26 -15.26
CA GLN A 212 6.82 -2.31 -15.74
C GLN A 212 7.84 -1.49 -14.91
N CYS A 213 7.38 -0.54 -14.10
CA CYS A 213 8.28 0.22 -13.18
C CYS A 213 8.60 -0.44 -11.84
N LEU A 214 7.98 -1.58 -11.53
CA LEU A 214 8.00 -2.13 -10.17
C LEU A 214 9.08 -3.18 -9.80
N ASN A 215 10.04 -3.46 -10.68
CA ASN A 215 11.07 -4.51 -10.45
C ASN A 215 10.55 -5.88 -9.97
N ILE A 216 9.41 -6.32 -10.50
CA ILE A 216 8.89 -7.63 -10.14
C ILE A 216 9.65 -8.65 -10.99
N PRO A 217 10.22 -9.72 -10.36
CA PRO A 217 10.92 -10.76 -11.13
C PRO A 217 10.05 -11.44 -12.19
N GLU A 218 10.64 -11.67 -13.36
CA GLU A 218 10.00 -12.38 -14.48
C GLU A 218 8.65 -11.76 -14.93
N ILE A 219 8.48 -10.45 -14.71
CA ILE A 219 7.22 -9.75 -15.02
C ILE A 219 6.77 -9.88 -16.47
N ASN A 220 7.72 -9.92 -17.42
CA ASN A 220 7.35 -10.08 -18.84
C ASN A 220 6.62 -11.40 -19.11
N SER A 221 6.89 -12.41 -18.27
CA SER A 221 6.20 -13.69 -18.34
C SER A 221 4.78 -13.66 -17.78
N LEU A 222 4.41 -12.64 -17.01
CA LEU A 222 3.16 -12.63 -16.22
C LEU A 222 2.05 -11.67 -16.69
N ILE A 223 2.39 -10.63 -17.43
CA ILE A 223 1.40 -9.61 -17.83
C ILE A 223 1.46 -9.34 -19.34
N THR A 224 0.40 -8.74 -19.88
CA THR A 224 0.30 -8.46 -21.32
C THR A 224 -0.73 -7.38 -21.61
N THR A 225 -0.58 -6.70 -22.75
CA THR A 225 -1.62 -5.78 -23.26
C THR A 225 -2.55 -6.45 -24.28
N ASP A 226 -2.25 -7.69 -24.67
CA ASP A 226 -3.12 -8.47 -25.58
C ASP A 226 -4.24 -9.10 -24.78
N MET A 227 -5.39 -8.44 -24.77
CA MET A 227 -6.55 -8.91 -23.99
C MET A 227 -7.04 -10.27 -24.48
N CYS A 228 -7.00 -10.49 -25.79
CA CYS A 228 -7.50 -11.74 -26.40
C CYS A 228 -6.75 -12.99 -25.97
N SER A 229 -5.46 -12.87 -25.68
CA SER A 229 -4.66 -14.01 -25.22
C SER A 229 -4.79 -14.35 -23.73
N SER A 230 -5.58 -13.56 -23.00
CA SER A 230 -5.63 -13.59 -21.53
C SER A 230 -7.04 -13.92 -21.02
N LEU A 231 -7.16 -14.79 -20.01
CA LEU A 231 -8.45 -15.03 -19.33
C LEU A 231 -8.53 -14.49 -17.90
N VAL A 232 -7.56 -13.67 -17.51
CA VAL A 232 -7.66 -12.79 -16.33
C VAL A 232 -7.46 -11.35 -16.80
N HIS A 233 -8.50 -10.53 -16.70
CA HIS A 233 -8.39 -9.10 -17.09
C HIS A 233 -8.40 -8.15 -15.90
N LEU A 234 -7.60 -7.08 -15.96
CA LEU A 234 -7.67 -5.98 -15.00
C LEU A 234 -8.48 -4.83 -15.55
N LEU A 235 -9.31 -4.25 -14.69
CA LEU A 235 -10.12 -3.08 -15.01
C LEU A 235 -10.06 -2.08 -13.84
N PRO A 236 -10.36 -0.79 -14.12
CA PRO A 236 -10.47 0.17 -13.04
C PRO A 236 -11.52 -0.23 -12.03
N MET A 237 -11.26 0.06 -10.76
CA MET A 237 -12.13 -0.37 -9.67
C MET A 237 -13.58 0.11 -9.86
N MET A 238 -13.71 1.32 -10.41
CA MET A 238 -15.01 1.91 -10.73
C MET A 238 -15.90 1.12 -11.68
N GLN A 239 -15.30 0.28 -12.53
CA GLN A 239 -16.03 -0.54 -13.46
C GLN A 239 -16.46 -1.92 -12.85
N ILE A 240 -16.06 -2.22 -11.61
CA ILE A 240 -16.40 -3.51 -10.99
C ILE A 240 -17.79 -3.42 -10.33
N ASN A 241 -18.79 -3.50 -11.19
CA ASN A 241 -20.21 -3.49 -10.81
C ASN A 241 -20.98 -4.17 -11.93
N PHE A 242 -22.26 -4.49 -11.71
CA PHE A 242 -23.01 -5.30 -12.70
C PHE A 242 -23.07 -4.65 -14.09
N LYS A 243 -23.32 -3.34 -14.14
CA LYS A 243 -23.34 -2.58 -15.39
C LYS A 243 -21.99 -2.58 -16.13
N GLY A 244 -20.94 -2.20 -15.40
CA GLY A 244 -19.59 -2.13 -15.97
C GLY A 244 -19.09 -3.46 -16.51
N LEU A 245 -19.43 -4.53 -15.82
CA LEU A 245 -18.98 -5.89 -16.19
C LEU A 245 -19.79 -6.48 -17.36
N GLN A 246 -21.11 -6.27 -17.37
CA GLN A 246 -21.96 -6.60 -18.55
C GLN A 246 -21.43 -5.97 -19.82
N SER A 247 -21.10 -4.69 -19.72
CA SER A 247 -20.51 -3.92 -20.82
C SER A 247 -19.17 -4.50 -21.27
N HIS A 248 -18.31 -4.85 -20.31
CA HIS A 248 -17.06 -5.51 -20.66
C HIS A 248 -17.25 -6.87 -21.36
N LEU A 249 -18.19 -7.69 -20.86
CA LEU A 249 -18.46 -9.00 -21.45
C LEU A 249 -18.87 -8.88 -22.92
N LYS A 250 -19.70 -7.88 -23.24
CA LYS A 250 -20.05 -7.57 -24.64
C LYS A 250 -18.82 -7.38 -25.53
N LYS A 251 -17.83 -6.64 -25.04
CA LYS A 251 -16.62 -6.38 -25.81
C LYS A 251 -15.76 -7.61 -26.09
N CYS A 252 -15.97 -8.72 -25.38
CA CYS A 252 -15.14 -9.92 -25.54
C CYS A 252 -15.55 -10.83 -26.71
N GLY A 253 -16.61 -10.47 -27.44
CA GLY A 253 -16.95 -11.08 -28.72
C GLY A 253 -17.39 -12.54 -28.65
N GLY A 254 -18.23 -12.85 -27.68
CA GLY A 254 -18.75 -14.22 -27.49
C GLY A 254 -17.72 -15.27 -27.09
N LYS A 255 -16.56 -14.84 -26.59
CA LYS A 255 -15.54 -15.74 -26.10
C LYS A 255 -15.92 -16.30 -24.72
N TYR A 256 -16.65 -15.50 -23.94
CA TYR A 256 -17.04 -15.88 -22.59
C TYR A 256 -18.54 -15.72 -22.38
N ASN A 257 -19.07 -16.48 -21.44
CA ASN A 257 -20.50 -16.45 -21.09
C ASN A 257 -20.77 -16.30 -19.58
N GLN A 258 -19.76 -15.89 -18.82
CA GLN A 258 -19.81 -15.77 -17.36
C GLN A 258 -18.63 -14.89 -16.93
N ILE A 259 -18.85 -14.00 -15.95
CA ILE A 259 -17.75 -13.28 -15.28
C ILE A 259 -17.72 -13.57 -13.77
N LEU A 260 -16.52 -13.88 -13.27
CA LEU A 260 -16.23 -13.95 -11.85
C LEU A 260 -15.30 -12.76 -11.60
N ALA A 261 -15.71 -11.81 -10.74
CA ALA A 261 -14.88 -10.62 -10.45
C ALA A 261 -14.52 -10.47 -8.97
N PHE A 262 -13.34 -9.91 -8.73
CA PHE A 262 -12.84 -9.62 -7.37
C PHE A 262 -12.62 -8.10 -7.16
N ARG A 263 -13.10 -7.59 -6.02
CA ARG A 263 -12.84 -6.24 -5.54
C ARG A 263 -12.02 -6.33 -4.25
N PRO A 264 -10.70 -6.12 -4.35
CA PRO A 264 -9.92 -6.05 -3.13
C PRO A 264 -10.21 -4.70 -2.47
N THR A 265 -10.69 -4.77 -1.25
CA THR A 265 -11.00 -3.60 -0.46
C THR A 265 -10.00 -3.59 0.70
N GLY A 266 -10.07 -2.56 1.54
CA GLY A 266 -9.47 -2.63 2.88
C GLY A 266 -10.41 -3.39 3.80
N TRP A 267 -10.55 -2.90 5.02
CA TRP A 267 -11.56 -3.43 5.95
C TRP A 267 -12.97 -3.02 5.52
N THR A 268 -13.92 -3.92 5.75
CA THR A 268 -15.36 -3.65 5.65
C THR A 268 -16.07 -4.31 6.86
N HIS A 269 -17.04 -3.61 7.46
CA HIS A 269 -17.95 -4.15 8.53
C HIS A 269 -18.36 -5.64 8.45
N SER A 270 -18.46 -6.18 7.24
CA SER A 270 -18.59 -7.64 7.03
C SER A 270 -17.62 -8.51 7.87
N ASN A 271 -16.38 -8.03 8.05
CA ASN A 271 -15.34 -8.71 8.86
C ASN A 271 -15.69 -8.96 10.34
N LYS A 272 -16.54 -8.11 10.91
CA LYS A 272 -17.00 -8.27 12.31
C LYS A 272 -17.85 -9.52 12.53
N PHE A 273 -18.56 -9.95 11.49
CA PHE A 273 -19.48 -11.09 11.55
C PHE A 273 -18.88 -12.37 10.94
N THR A 274 -18.40 -12.25 9.71
CA THR A 274 -18.08 -13.41 8.86
C THR A 274 -16.59 -13.75 8.86
N ARG A 275 -16.30 -15.04 8.68
CA ARG A 275 -14.94 -15.53 8.44
C ARG A 275 -14.65 -15.56 6.94
N ILE A 276 -13.38 -15.46 6.57
CA ILE A 276 -12.95 -15.46 5.14
C ILE A 276 -13.47 -16.70 4.40
N ALA A 277 -13.44 -17.85 5.06
CA ALA A 277 -13.99 -19.10 4.50
C ALA A 277 -15.47 -18.99 4.09
N ASP A 278 -16.24 -18.21 4.86
CA ASP A 278 -17.69 -18.06 4.65
C ASP A 278 -18.12 -16.92 3.70
N VAL A 279 -17.17 -16.23 3.06
CA VAL A 279 -17.50 -15.08 2.20
C VAL A 279 -18.27 -15.53 0.94
N ILE A 280 -19.35 -14.83 0.62
CA ILE A 280 -20.17 -15.13 -0.54
C ILE A 280 -20.22 -13.93 -1.47
N PRO A 281 -20.44 -14.15 -2.78
CA PRO A 281 -20.50 -13.04 -3.71
C PRO A 281 -21.88 -12.39 -3.78
N GLN A 282 -21.95 -11.21 -4.39
CA GLN A 282 -23.19 -10.68 -4.97
C GLN A 282 -23.31 -11.16 -6.40
N THR A 283 -24.48 -11.69 -6.75
CA THR A 283 -24.69 -12.31 -8.05
C THR A 283 -25.90 -11.69 -8.76
N LYS A 284 -25.74 -11.46 -10.06
CA LYS A 284 -26.86 -11.09 -10.93
C LYS A 284 -26.69 -11.79 -12.27
N GLY A 285 -27.53 -12.80 -12.52
CA GLY A 285 -27.47 -13.56 -13.76
C GLY A 285 -26.14 -14.30 -13.85
N ASN A 286 -25.43 -14.06 -14.96
CA ASN A 286 -24.12 -14.70 -15.21
C ASN A 286 -22.89 -13.92 -14.65
N ILE A 287 -23.10 -13.01 -13.69
CA ILE A 287 -22.01 -12.20 -13.13
C ILE A 287 -22.02 -12.33 -11.61
N SER A 288 -20.85 -12.67 -11.04
CA SER A 288 -20.66 -12.71 -9.58
C SER A 288 -19.48 -11.81 -9.18
N ILE A 289 -19.65 -11.07 -8.08
CA ILE A 289 -18.62 -10.15 -7.54
C ILE A 289 -18.27 -10.46 -6.08
N TYR A 290 -17.00 -10.76 -5.82
CA TYR A 290 -16.49 -11.00 -4.47
C TYR A 290 -15.74 -9.77 -3.94
N GLY A 291 -16.11 -9.28 -2.76
CA GLY A 291 -15.30 -8.30 -2.01
C GLY A 291 -14.38 -9.09 -1.10
N ILE A 292 -13.06 -8.92 -1.22
CA ILE A 292 -12.13 -9.65 -0.36
C ILE A 292 -11.26 -8.67 0.46
N PRO A 293 -11.09 -8.94 1.77
CA PRO A 293 -10.39 -8.01 2.67
C PRO A 293 -8.86 -8.13 2.63
N TYR A 294 -8.27 -7.81 1.48
CA TYR A 294 -6.81 -7.80 1.31
C TYR A 294 -6.27 -6.44 1.79
N SER A 295 -5.69 -6.40 2.98
CA SER A 295 -5.20 -5.12 3.52
C SER A 295 -3.70 -4.96 3.37
N GLU A 296 -3.27 -3.74 2.99
CA GLU A 296 -1.85 -3.36 3.06
C GLU A 296 -1.58 -2.33 4.20
N HIS A 297 -2.49 -2.27 5.19
CA HIS A 297 -2.28 -1.54 6.46
C HIS A 297 -2.37 -2.51 7.66
N SER A 298 -1.70 -2.14 8.76
CA SER A 298 -1.70 -2.95 10.00
C SER A 298 -3.14 -3.14 10.49
N SER A 299 -3.49 -4.36 10.91
CA SER A 299 -4.65 -4.55 11.79
C SER A 299 -4.38 -3.88 13.15
N TYR A 300 -5.42 -3.69 13.96
CA TYR A 300 -5.21 -3.15 15.32
C TYR A 300 -4.20 -3.98 16.09
N LEU A 301 -4.36 -5.30 16.09
CA LEU A 301 -3.44 -6.19 16.86
C LEU A 301 -1.98 -6.14 16.36
N GLU A 302 -1.78 -6.11 15.04
CA GLU A 302 -0.45 -6.00 14.43
C GLU A 302 0.22 -4.68 14.82
N MET A 303 -0.55 -3.59 14.77
CA MET A 303 -0.08 -2.26 15.18
C MET A 303 0.35 -2.22 16.65
N LYS A 304 -0.53 -2.69 17.54
CA LYS A 304 -0.24 -2.81 18.96
C LYS A 304 1.04 -3.61 19.27
N ARG A 305 1.22 -4.74 18.59
CA ARG A 305 2.41 -5.57 18.81
C ARG A 305 3.70 -4.84 18.44
N PHE A 306 3.73 -4.22 17.26
CA PHE A 306 4.87 -3.43 16.81
C PHE A 306 5.23 -2.31 17.80
N VAL A 307 4.25 -1.52 18.22
CA VAL A 307 4.48 -0.38 19.11
C VAL A 307 4.96 -0.83 20.50
N GLN A 308 4.34 -1.86 21.05
CA GLN A 308 4.75 -2.43 22.36
C GLN A 308 6.16 -3.02 22.30
N TRP A 309 6.57 -3.55 21.13
CA TRP A 309 7.95 -4.00 20.91
C TRP A 309 8.95 -2.83 20.82
N LEU A 310 8.61 -1.81 20.04
CA LEU A 310 9.48 -0.64 19.81
C LEU A 310 9.65 0.27 21.05
N LYS A 311 8.60 0.39 21.87
CA LYS A 311 8.60 1.22 23.08
C LYS A 311 9.06 2.68 22.85
N PRO A 312 8.41 3.39 21.91
CA PRO A 312 8.78 4.77 21.67
C PRO A 312 8.42 5.67 22.85
N GLN A 313 9.17 6.76 23.03
CA GLN A 313 8.86 7.73 24.08
C GLN A 313 7.69 8.66 23.72
N LYS A 314 7.51 8.96 22.43
CA LYS A 314 6.37 9.74 21.99
C LYS A 314 5.84 9.20 20.66
N ILE A 315 4.52 9.18 20.51
CA ILE A 315 3.87 8.76 19.25
C ILE A 315 3.13 9.95 18.64
N ILE A 316 3.34 10.16 17.34
CA ILE A 316 2.66 11.18 16.56
C ILE A 316 1.87 10.47 15.43
N PRO A 317 0.55 10.39 15.56
CA PRO A 317 -0.25 9.81 14.46
C PRO A 317 -0.22 10.65 13.18
N THR A 318 -0.28 9.96 12.03
CA THR A 318 -0.28 10.59 10.73
C THR A 318 -1.58 10.33 9.93
N VAL A 319 -2.52 9.57 10.51
CA VAL A 319 -3.80 9.23 9.86
C VAL A 319 -4.93 9.39 10.89
N ASN A 320 -6.10 9.82 10.42
CA ASN A 320 -7.25 10.07 11.30
C ASN A 320 -6.98 11.23 12.27
N VAL A 321 -6.23 12.23 11.82
CA VAL A 321 -5.88 13.36 12.71
C VAL A 321 -6.89 14.52 12.67
N GLY A 322 -7.91 14.43 11.82
CA GLY A 322 -8.80 15.57 11.59
C GLY A 322 -9.91 15.83 12.61
N THR A 323 -10.24 14.85 13.45
CA THR A 323 -11.33 15.01 14.42
C THR A 323 -10.85 14.82 15.87
N TRP A 324 -11.47 15.55 16.80
CA TRP A 324 -11.11 15.44 18.20
C TRP A 324 -11.45 14.05 18.74
N LYS A 325 -12.58 13.49 18.32
CA LYS A 325 -12.97 12.14 18.71
C LYS A 325 -11.92 11.09 18.31
N SER A 326 -11.43 11.16 17.07
CA SER A 326 -10.36 10.27 16.58
C SER A 326 -9.07 10.41 17.38
N ARG A 327 -8.66 11.65 17.58
CA ARG A 327 -7.41 11.94 18.30
C ARG A 327 -7.49 11.44 19.74
N SER A 328 -8.63 11.67 20.39
CA SER A 328 -8.86 11.22 21.78
C SER A 328 -8.85 9.67 21.91
N THR A 329 -9.52 9.00 20.99
CA THR A 329 -9.53 7.52 20.91
C THR A 329 -8.10 6.93 20.76
N MET A 330 -7.34 7.45 19.81
CA MET A 330 -5.97 6.98 19.55
C MET A 330 -5.03 7.16 20.78
N GLU A 331 -5.10 8.33 21.42
N GLU A 331 -5.09 8.33 21.42
CA GLU A 331 -4.32 8.62 22.63
CA GLU A 331 -4.29 8.59 22.63
C GLU A 331 -4.64 7.68 23.79
C GLU A 331 -4.64 7.65 23.79
N LYS A 332 -5.92 7.30 23.93
CA LYS A 332 -6.34 6.32 24.95
C LYS A 332 -5.72 4.95 24.72
N TYR A 333 -5.70 4.48 23.47
CA TYR A 333 -5.03 3.21 23.14
C TYR A 333 -3.52 3.28 23.36
N PHE A 334 -2.88 4.39 22.99
CA PHE A 334 -1.43 4.49 23.21
C PHE A 334 -1.09 4.37 24.71
N ARG A 335 -1.89 5.02 25.55
CA ARG A 335 -1.69 4.94 27.03
C ARG A 335 -1.94 3.52 27.55
N GLU A 336 -3.01 2.88 27.09
N GLU A 336 -3.01 2.89 27.08
CA GLU A 336 -3.27 1.47 27.43
CA GLU A 336 -3.30 1.50 27.42
C GLU A 336 -2.08 0.59 27.09
C GLU A 336 -2.14 0.54 27.05
N TRP A 337 -1.55 0.76 25.88
CA TRP A 337 -0.44 -0.10 25.44
C TRP A 337 0.82 0.08 26.29
N LYS A 338 1.08 1.33 26.67
CA LYS A 338 2.24 1.69 27.49
C LYS A 338 2.11 1.12 28.91
N LEU A 339 0.92 1.23 29.49
CA LEU A 339 0.67 0.70 30.85
C LEU A 339 0.71 -0.82 30.90
N GLU A 340 0.13 -1.48 29.90
CA GLU A 340 0.18 -2.92 29.83
C GLU A 340 1.62 -3.43 29.71
N ALA A 341 2.42 -2.82 28.83
CA ALA A 341 3.80 -3.30 28.58
C ALA A 341 4.86 -2.76 29.54
N GLY A 342 4.63 -1.61 30.18
CA GLY A 342 5.50 -1.07 31.24
C GLY A 342 6.57 -0.05 30.88
N TYR A 343 6.52 0.51 29.66
CA TYR A 343 7.51 1.50 29.23
C TYR A 343 7.03 2.92 29.53
#